data_4A85
#
_entry.id   4A85
#
_cell.length_a   32.690
_cell.length_b   55.890
_cell.length_c   38.040
_cell.angle_alpha   90.00
_cell.angle_beta   93.24
_cell.angle_gamma   90.00
#
_symmetry.space_group_name_H-M   'P 1 21 1'
#
loop_
_entity.id
_entity.type
_entity.pdbx_description
1 polymer 'MAJOR POLLEN ALLERGEN BET V 1-A'
2 non-polymer N-(FURAN-2-YLMETHYL)-7H-PURIN-6-AMINE
3 non-polymer 'SULFATE ION'
4 non-polymer 2-AMINO-2-HYDROXYMETHYL-PROPANE-1,3-DIOL
5 non-polymer (4S)-2-METHYL-2,4-PENTANEDIOL
6 water water
#
_entity_poly.entity_id   1
_entity_poly.type   'polypeptide(L)'
_entity_poly.pdbx_seq_one_letter_code
;GVFNYETETTSVIPAARLFKAFILDGDNLFPKVAPQAISSVENIEGNGGPGTIKKISFPEGFPFKYVKDRVDEVDHTNFK
YNYSVIEGGPIGDTLEKISNEIKIVATPDGGSILKISNKYHTKGDHEVKAEQVKASKEMGETLLRAVESYLLAHSDAYN
;
_entity_poly.pdbx_strand_id   A
#
# COMPACT_ATOMS: atom_id res chain seq x y z
N GLY A 1 -0.53 -20.53 8.30
CA GLY A 1 0.47 -20.72 7.23
C GLY A 1 0.62 -19.44 6.45
N VAL A 2 1.47 -19.43 5.43
CA VAL A 2 1.69 -18.23 4.62
C VAL A 2 1.42 -18.49 3.15
N PHE A 3 0.64 -17.61 2.56
CA PHE A 3 0.42 -17.58 1.15
C PHE A 3 1.13 -16.38 0.58
N ASN A 4 1.98 -16.61 -0.42
CA ASN A 4 2.79 -15.61 -1.07
C ASN A 4 2.25 -15.26 -2.45
N TYR A 5 2.04 -13.96 -2.71
CA TYR A 5 1.64 -13.43 -4.01
C TYR A 5 2.63 -12.34 -4.45
N GLU A 6 2.99 -12.37 -5.71
N GLU A 6 3.07 -12.40 -5.70
CA GLU A 6 3.94 -11.39 -6.27
CA GLU A 6 3.94 -11.35 -6.23
C GLU A 6 3.36 -10.84 -7.54
C GLU A 6 3.31 -10.84 -7.50
N THR A 7 3.48 -9.54 -7.73
CA THR A 7 3.13 -8.94 -8.99
C THR A 7 4.08 -7.79 -9.30
N GLU A 8 4.03 -7.30 -10.53
CA GLU A 8 4.80 -6.15 -10.97
C GLU A 8 3.93 -5.25 -11.81
N THR A 9 4.20 -3.96 -11.73
CA THR A 9 3.51 -2.98 -12.54
C THR A 9 4.50 -1.89 -12.90
N THR A 10 4.15 -1.06 -13.85
CA THR A 10 5.04 -0.01 -14.34
C THR A 10 4.46 1.35 -14.05
N SER A 11 5.35 2.34 -14.00
CA SER A 11 4.97 3.72 -13.93
C SER A 11 5.74 4.55 -14.89
N VAL A 12 5.17 5.68 -15.33
CA VAL A 12 5.92 6.63 -16.15
C VAL A 12 6.73 7.61 -15.30
N ILE A 13 6.59 7.55 -13.99
CA ILE A 13 7.29 8.47 -13.07
C ILE A 13 8.60 7.86 -12.62
N PRO A 14 9.71 8.65 -12.62
CA PRO A 14 10.94 8.16 -12.13
C PRO A 14 10.88 7.65 -10.68
N ALA A 15 11.74 6.69 -10.36
CA ALA A 15 11.61 5.93 -9.08
C ALA A 15 11.61 6.79 -7.83
N ALA A 16 12.62 7.67 -7.72
CA ALA A 16 12.78 8.41 -6.50
C ALA A 16 11.64 9.33 -6.22
N ARG A 17 11.11 9.95 -7.25
CA ARG A 17 10.01 10.86 -7.10
C ARG A 17 8.73 10.06 -6.72
N LEU A 18 8.55 8.96 -7.44
CA LEU A 18 7.35 8.15 -7.18
C LEU A 18 7.43 7.64 -5.74
N PHE A 19 8.61 7.19 -5.25
CA PHE A 19 8.78 6.75 -3.90
C PHE A 19 8.46 7.85 -2.92
N LYS A 20 8.91 9.06 -3.13
CA LYS A 20 8.70 10.20 -2.22
C LYS A 20 7.19 10.48 -2.11
N ALA A 21 6.50 10.38 -3.23
CA ALA A 21 5.08 10.67 -3.23
C ALA A 21 4.14 9.51 -2.82
N PHE A 22 4.23 8.42 -3.57
CA PHE A 22 3.32 7.27 -3.43
C PHE A 22 3.55 6.53 -2.13
N ILE A 23 4.82 6.44 -1.72
CA ILE A 23 5.20 5.75 -0.44
C ILE A 23 5.32 6.73 0.68
N LEU A 24 6.29 7.64 0.61
CA LEU A 24 6.58 8.51 1.75
C LEU A 24 5.50 9.54 2.10
N ASP A 25 4.62 9.89 1.15
CA ASP A 25 3.57 10.86 1.41
C ASP A 25 2.19 10.33 1.13
N GLY A 26 2.03 9.03 1.10
CA GLY A 26 0.69 8.46 0.94
C GLY A 26 -0.39 8.91 1.91
N ASP A 27 -0.07 9.13 3.17
CA ASP A 27 -1.07 9.60 4.16
C ASP A 27 -1.78 10.87 3.72
N ASN A 28 -1.03 11.73 3.05
CA ASN A 28 -1.53 12.97 2.53
C ASN A 28 -2.13 12.74 1.16
N LEU A 29 -1.41 12.07 0.28
CA LEU A 29 -1.84 12.05 -1.07
C LEU A 29 -3.04 11.17 -1.32
N PHE A 30 -3.09 10.00 -0.71
CA PHE A 30 -4.16 9.10 -1.09
C PHE A 30 -5.57 9.67 -0.90
N PRO A 31 -5.90 10.26 0.26
CA PRO A 31 -7.25 10.83 0.38
C PRO A 31 -7.51 12.03 -0.52
N LYS A 32 -6.42 12.68 -0.92
CA LYS A 32 -6.54 13.85 -1.83
C LYS A 32 -6.80 13.43 -3.28
N VAL A 33 -5.99 12.50 -3.78
CA VAL A 33 -6.06 12.12 -5.19
C VAL A 33 -7.02 11.00 -5.50
N ALA A 34 -7.31 10.18 -4.47
CA ALA A 34 -8.20 9.01 -4.68
C ALA A 34 -9.28 8.91 -3.61
N PRO A 35 -10.05 10.00 -3.41
CA PRO A 35 -11.06 9.99 -2.35
C PRO A 35 -12.12 8.93 -2.54
N GLN A 36 -12.30 8.46 -3.77
CA GLN A 36 -13.30 7.45 -4.04
CA GLN A 36 -13.35 7.48 -3.98
C GLN A 36 -12.79 6.06 -3.63
N ALA A 37 -11.47 5.95 -3.29
CA ALA A 37 -10.80 4.72 -2.81
C ALA A 37 -10.42 4.77 -1.33
N ILE A 38 -9.99 5.93 -0.83
CA ILE A 38 -9.51 6.09 0.57
CA ILE A 38 -9.53 6.04 0.56
C ILE A 38 -10.13 7.32 1.15
N SER A 39 -10.97 7.19 2.17
N SER A 39 -10.95 7.19 2.19
CA SER A 39 -11.61 8.38 2.74
CA SER A 39 -11.57 8.37 2.82
C SER A 39 -10.68 9.18 3.69
C SER A 39 -10.61 9.20 3.66
N SER A 40 -9.78 8.52 4.41
CA SER A 40 -8.85 9.18 5.32
C SER A 40 -7.78 8.27 5.75
N VAL A 41 -6.66 8.88 6.23
CA VAL A 41 -5.56 8.15 6.81
C VAL A 41 -5.15 8.83 8.10
N GLU A 42 -5.24 8.11 9.23
CA GLU A 42 -4.94 8.59 10.55
C GLU A 42 -3.67 8.00 11.06
N ASN A 43 -2.76 8.86 11.51
CA ASN A 43 -1.60 8.37 12.23
C ASN A 43 -2.03 8.07 13.65
N ILE A 44 -1.84 6.83 14.05
CA ILE A 44 -2.22 6.39 15.41
C ILE A 44 -1.05 6.44 16.40
N GLU A 45 0.13 6.01 15.95
CA GLU A 45 1.33 5.98 16.81
CA GLU A 45 1.31 5.98 16.79
C GLU A 45 2.54 6.00 15.88
N GLY A 46 3.61 6.64 16.33
CA GLY A 46 4.87 6.57 15.63
C GLY A 46 5.12 7.68 14.69
N ASN A 47 6.41 7.83 14.44
CA ASN A 47 6.87 8.99 13.68
C ASN A 47 7.31 8.71 12.27
N GLY A 48 7.01 7.53 11.74
CA GLY A 48 7.13 7.18 10.34
C GLY A 48 8.01 5.96 10.02
N GLY A 49 8.83 5.58 10.96
CA GLY A 49 9.64 4.44 10.81
C GLY A 49 9.00 3.17 11.32
N PRO A 50 9.74 2.09 11.39
CA PRO A 50 9.30 0.81 11.87
C PRO A 50 8.42 0.96 13.11
N GLY A 51 7.26 0.38 12.99
CA GLY A 51 6.30 0.34 14.10
C GLY A 51 5.23 1.34 14.01
N THR A 52 5.30 2.32 13.13
CA THR A 52 4.32 3.36 12.96
C THR A 52 2.97 2.66 12.49
N ILE A 53 1.91 3.06 13.16
CA ILE A 53 0.57 2.53 12.84
C ILE A 53 -0.30 3.63 12.32
N LYS A 54 -0.97 3.31 11.20
CA LYS A 54 -1.93 4.19 10.59
CA LYS A 54 -1.89 4.16 10.48
C LYS A 54 -3.26 3.46 10.34
N LYS A 55 -4.32 4.21 10.49
CA LYS A 55 -5.69 3.68 10.25
C LYS A 55 -6.17 4.26 8.96
N ILE A 56 -6.44 3.39 8.00
CA ILE A 56 -6.89 3.75 6.64
C ILE A 56 -8.36 3.40 6.55
N SER A 57 -9.15 4.44 6.41
CA SER A 57 -10.61 4.26 6.27
C SER A 57 -11.04 4.28 4.86
N PHE A 58 -12.01 3.41 4.53
CA PHE A 58 -12.55 3.31 3.21
C PHE A 58 -13.86 4.04 3.06
N PRO A 59 -14.23 4.41 1.85
CA PRO A 59 -15.50 5.05 1.65
C PRO A 59 -16.70 4.14 1.99
N GLU A 60 -17.80 4.79 2.20
CA GLU A 60 -19.07 4.05 2.40
C GLU A 60 -19.31 3.15 1.20
N GLY A 61 -19.84 1.96 1.46
CA GLY A 61 -20.16 1.01 0.44
C GLY A 61 -19.09 0.05 0.09
N PHE A 62 -17.85 0.30 0.58
CA PHE A 62 -16.75 -0.62 0.31
C PHE A 62 -16.92 -1.90 1.13
N PRO A 63 -16.23 -2.99 0.76
CA PRO A 63 -16.42 -4.21 1.51
C PRO A 63 -16.02 -4.09 2.96
N PHE A 64 -14.97 -3.30 3.23
CA PHE A 64 -14.41 -3.14 4.57
C PHE A 64 -14.51 -1.71 5.07
N LYS A 65 -14.55 -1.53 6.38
CA LYS A 65 -14.62 -0.21 7.00
C LYS A 65 -13.21 0.47 7.04
N TYR A 66 -12.25 -0.26 7.45
CA TYR A 66 -10.90 0.25 7.65
C TYR A 66 -9.93 -0.86 7.74
N VAL A 67 -8.64 -0.52 7.64
CA VAL A 67 -7.55 -1.38 8.08
C VAL A 67 -6.56 -0.51 8.88
N LYS A 68 -5.86 -1.15 9.76
CA LYS A 68 -4.67 -0.54 10.35
C LYS A 68 -3.46 -1.20 9.77
N ASP A 69 -2.53 -0.35 9.28
CA ASP A 69 -1.29 -0.79 8.70
C ASP A 69 -0.16 -0.34 9.59
N ARG A 70 0.86 -1.16 9.62
CA ARG A 70 2.03 -0.92 10.41
C ARG A 70 3.21 -0.84 9.44
N VAL A 71 4.01 0.22 9.55
CA VAL A 71 5.27 0.32 8.81
C VAL A 71 6.26 -0.68 9.40
N ASP A 72 6.81 -1.53 8.57
CA ASP A 72 7.82 -2.51 9.02
C ASP A 72 9.26 -1.99 8.74
N GLU A 73 9.53 -1.50 7.53
CA GLU A 73 10.90 -1.00 7.16
C GLU A 73 10.69 -0.06 6.02
N VAL A 74 11.60 0.92 5.99
CA VAL A 74 11.61 1.93 4.92
C VAL A 74 13.06 2.21 4.47
N ASP A 75 13.31 1.83 3.25
CA ASP A 75 14.69 2.00 2.74
C ASP A 75 14.67 3.08 1.68
N HIS A 76 15.18 4.22 2.13
CA HIS A 76 15.16 5.43 1.32
C HIS A 76 16.21 5.45 0.21
N THR A 77 17.18 4.55 0.26
CA THR A 77 18.24 4.41 -0.79
C THR A 77 17.74 3.52 -1.91
N ASN A 78 17.17 2.37 -1.55
CA ASN A 78 16.82 1.34 -2.52
C ASN A 78 15.32 1.33 -2.85
N PHE A 79 14.64 2.33 -2.34
CA PHE A 79 13.19 2.56 -2.58
C PHE A 79 12.35 1.27 -2.23
N LYS A 80 12.58 0.78 -1.05
CA LYS A 80 11.84 -0.43 -0.59
C LYS A 80 11.03 0.03 0.57
N TYR A 81 9.80 -0.50 0.62
CA TYR A 81 8.89 -0.20 1.72
C TYR A 81 8.14 -1.48 2.09
N ASN A 82 8.26 -1.85 3.36
N ASN A 82 8.22 -1.82 3.37
CA ASN A 82 7.59 -3.03 3.90
CA ASN A 82 7.55 -2.98 3.90
C ASN A 82 6.62 -2.53 4.94
C ASN A 82 6.58 -2.53 4.94
N TYR A 83 5.37 -3.06 4.85
CA TYR A 83 4.31 -2.72 5.82
C TYR A 83 3.33 -3.90 5.92
N SER A 84 2.67 -3.93 7.05
CA SER A 84 1.71 -5.01 7.33
C SER A 84 0.35 -4.52 7.69
N VAL A 85 -0.65 -5.21 7.15
CA VAL A 85 -2.06 -5.01 7.57
C VAL A 85 -2.29 -5.89 8.85
N ILE A 86 -2.54 -5.20 9.93
CA ILE A 86 -2.55 -5.82 11.25
CA ILE A 86 -2.56 -5.88 11.22
C ILE A 86 -3.88 -5.83 12.01
N GLU A 87 -4.88 -5.10 11.51
CA GLU A 87 -6.21 -5.07 12.13
C GLU A 87 -7.17 -4.51 11.11
N GLY A 88 -8.43 -4.92 11.26
CA GLY A 88 -9.51 -4.41 10.40
C GLY A 88 -9.64 -5.16 9.12
N GLY A 89 -10.72 -4.93 8.42
CA GLY A 89 -10.94 -5.52 7.12
C GLY A 89 -10.92 -7.02 7.14
N PRO A 90 -9.96 -7.59 6.44
CA PRO A 90 -9.95 -9.02 6.42
C PRO A 90 -9.36 -9.71 7.63
N ILE A 91 -8.74 -8.93 8.51
CA ILE A 91 -8.01 -9.49 9.63
C ILE A 91 -8.98 -9.94 10.73
N GLY A 92 -8.71 -11.10 11.31
CA GLY A 92 -9.58 -11.63 12.35
C GLY A 92 -9.26 -13.08 12.56
N ASP A 93 -10.29 -13.85 12.80
CA ASP A 93 -10.12 -15.23 13.23
C ASP A 93 -9.56 -16.17 12.20
N THR A 94 -9.48 -15.75 10.95
CA THR A 94 -8.98 -16.59 9.85
CA THR A 94 -8.91 -16.62 9.92
C THR A 94 -7.63 -16.03 9.29
N LEU A 95 -7.40 -14.77 9.51
CA LEU A 95 -6.25 -14.11 8.87
C LEU A 95 -5.65 -13.24 9.90
N GLU A 96 -4.40 -13.55 10.26
CA GLU A 96 -3.74 -12.82 11.31
C GLU A 96 -3.09 -11.49 10.84
N LYS A 97 -2.55 -11.50 9.62
CA LYS A 97 -1.73 -10.38 9.09
C LYS A 97 -1.55 -10.58 7.63
N ILE A 98 -1.35 -9.44 6.93
CA ILE A 98 -0.86 -9.43 5.59
C ILE A 98 0.44 -8.62 5.62
N SER A 99 1.55 -9.23 5.25
CA SER A 99 2.88 -8.54 5.22
CA SER A 99 2.83 -8.48 5.21
C SER A 99 3.18 -8.24 3.76
N ASN A 100 3.57 -7.01 3.48
CA ASN A 100 3.73 -6.52 2.13
C ASN A 100 5.15 -5.92 1.96
N GLU A 101 5.66 -6.09 0.76
CA GLU A 101 6.97 -5.48 0.41
C GLU A 101 6.80 -4.88 -0.96
N ILE A 102 7.21 -3.59 -1.08
CA ILE A 102 7.16 -2.86 -2.36
C ILE A 102 8.59 -2.42 -2.65
N LYS A 103 9.03 -2.63 -3.86
CA LYS A 103 10.31 -2.07 -4.27
C LYS A 103 10.10 -1.34 -5.58
N ILE A 104 10.70 -0.16 -5.70
CA ILE A 104 10.53 0.65 -6.89
C ILE A 104 11.87 0.75 -7.53
N VAL A 105 11.96 0.37 -8.79
CA VAL A 105 13.22 0.31 -9.53
C VAL A 105 13.17 1.24 -10.73
N ALA A 106 14.24 1.97 -10.95
CA ALA A 106 14.36 2.88 -12.09
C ALA A 106 14.47 2.08 -13.40
N THR A 107 13.89 2.63 -14.47
CA THR A 107 14.12 2.08 -15.79
C THR A 107 14.75 3.18 -16.69
N PRO A 108 15.53 2.80 -17.70
CA PRO A 108 16.34 3.76 -18.47
C PRO A 108 15.50 4.72 -19.28
N ASP A 109 14.22 4.38 -19.53
CA ASP A 109 13.31 5.30 -20.18
C ASP A 109 12.85 6.44 -19.33
N GLY A 110 13.18 6.43 -18.02
CA GLY A 110 12.86 7.47 -17.13
C GLY A 110 11.62 7.13 -16.31
N GLY A 111 11.09 5.90 -16.44
CA GLY A 111 9.98 5.50 -15.59
C GLY A 111 10.47 4.57 -14.52
N SER A 112 9.57 3.72 -14.06
CA SER A 112 9.88 2.80 -12.98
C SER A 112 9.07 1.53 -13.06
N ILE A 113 9.51 0.53 -12.29
CA ILE A 113 8.83 -0.75 -12.13
C ILE A 113 8.68 -0.91 -10.68
N LEU A 114 7.47 -1.25 -10.29
CA LEU A 114 7.16 -1.61 -8.90
C LEU A 114 6.98 -3.10 -8.78
N LYS A 115 7.68 -3.69 -7.82
CA LYS A 115 7.62 -5.10 -7.57
C LYS A 115 6.96 -5.21 -6.20
N ILE A 116 5.91 -5.99 -6.14
CA ILE A 116 5.03 -6.05 -4.96
C ILE A 116 4.91 -7.50 -4.53
N SER A 117 5.09 -7.74 -3.24
CA SER A 117 4.86 -9.04 -2.63
CA SER A 117 4.88 -9.03 -2.66
C SER A 117 3.87 -8.83 -1.50
N ASN A 118 2.85 -9.71 -1.48
CA ASN A 118 1.77 -9.74 -0.42
C ASN A 118 1.83 -11.11 0.18
N LYS A 119 2.12 -11.24 1.50
CA LYS A 119 2.14 -12.50 2.22
C LYS A 119 1.04 -12.57 3.27
N TYR A 120 0.12 -13.49 3.04
CA TYR A 120 -1.05 -13.66 3.92
C TYR A 120 -0.76 -14.71 4.96
N HIS A 121 -0.82 -14.30 6.24
CA HIS A 121 -0.55 -15.19 7.36
C HIS A 121 -1.87 -15.67 7.98
N THR A 122 -2.22 -16.93 7.77
CA THR A 122 -3.51 -17.41 8.21
C THR A 122 -3.31 -18.19 9.52
N LYS A 123 -4.39 -18.34 10.27
CA LYS A 123 -4.37 -19.20 11.47
C LYS A 123 -4.24 -20.65 11.07
N GLY A 124 -3.28 -21.38 11.66
CA GLY A 124 -3.10 -22.81 11.39
C GLY A 124 -3.02 -23.02 9.88
N ASP A 125 -4.11 -23.53 9.27
CA ASP A 125 -4.29 -23.58 7.77
C ASP A 125 -5.75 -23.41 7.28
N HIS A 126 -6.11 -22.15 7.02
CA HIS A 126 -7.31 -21.81 6.21
C HIS A 126 -6.75 -21.15 4.97
N GLU A 127 -7.60 -20.97 3.92
CA GLU A 127 -7.22 -20.61 2.48
C GLU A 127 -7.57 -19.16 1.99
N VAL A 128 -6.57 -18.52 1.43
CA VAL A 128 -6.74 -17.23 0.81
C VAL A 128 -7.30 -17.41 -0.63
N LYS A 129 -8.36 -16.65 -0.99
CA LYS A 129 -8.95 -16.73 -2.33
C LYS A 129 -8.41 -15.67 -3.31
N ALA A 130 -8.27 -16.09 -4.58
CA ALA A 130 -7.82 -15.21 -5.63
C ALA A 130 -8.58 -13.88 -5.51
N GLU A 131 -9.84 -13.89 -5.03
CA GLU A 131 -10.67 -12.67 -5.01
C GLU A 131 -10.12 -11.58 -4.08
N GLN A 132 -9.53 -11.99 -2.97
CA GLN A 132 -9.04 -11.09 -1.95
C GLN A 132 -7.72 -10.47 -2.41
N VAL A 133 -6.87 -11.31 -2.98
CA VAL A 133 -5.67 -10.83 -3.66
C VAL A 133 -5.94 -9.87 -4.83
N LYS A 134 -6.94 -10.20 -5.66
CA LYS A 134 -7.35 -9.35 -6.79
C LYS A 134 -7.76 -7.99 -6.28
N ALA A 135 -8.56 -7.97 -5.23
CA ALA A 135 -9.06 -6.72 -4.70
C ALA A 135 -7.92 -5.83 -4.25
N SER A 136 -6.94 -6.41 -3.57
CA SER A 136 -5.73 -5.72 -3.14
C SER A 136 -4.97 -5.13 -4.32
N LYS A 137 -4.82 -5.92 -5.38
CA LYS A 137 -4.09 -5.49 -6.57
C LYS A 137 -4.82 -4.35 -7.18
N GLU A 138 -6.13 -4.47 -7.28
CA GLU A 138 -6.93 -3.42 -7.93
C GLU A 138 -6.84 -2.10 -7.13
N MET A 139 -6.90 -2.18 -5.82
CA MET A 139 -6.77 -1.00 -4.97
CA MET A 139 -6.78 -0.97 -5.02
C MET A 139 -5.40 -0.37 -5.18
N GLY A 140 -4.37 -1.18 -5.09
CA GLY A 140 -2.98 -0.68 -5.30
C GLY A 140 -2.83 0.04 -6.63
N GLU A 141 -3.43 -0.55 -7.68
CA GLU A 141 -3.32 0.00 -9.04
C GLU A 141 -4.10 1.32 -9.15
N THR A 142 -5.29 1.40 -8.55
CA THR A 142 -6.09 2.62 -8.53
C THR A 142 -5.27 3.75 -7.87
N LEU A 143 -4.69 3.44 -6.71
CA LEU A 143 -3.89 4.43 -5.98
C LEU A 143 -2.65 4.87 -6.80
N LEU A 144 -1.96 3.90 -7.34
CA LEU A 144 -0.79 4.27 -8.22
C LEU A 144 -1.20 5.18 -9.33
N ARG A 145 -2.21 4.82 -10.08
CA ARG A 145 -2.61 5.62 -11.20
C ARG A 145 -3.05 7.01 -10.77
N ALA A 146 -3.78 7.13 -9.66
CA ALA A 146 -4.23 8.42 -9.18
C ALA A 146 -2.98 9.29 -8.83
N VAL A 147 -2.01 8.70 -8.13
CA VAL A 147 -0.79 9.45 -7.77
C VAL A 147 0.00 9.82 -9.00
N GLU A 148 0.13 8.89 -9.92
CA GLU A 148 0.85 9.18 -11.15
C GLU A 148 0.21 10.36 -11.84
N SER A 149 -1.13 10.37 -11.99
CA SER A 149 -1.81 11.49 -12.66
C SER A 149 -1.54 12.85 -11.99
N TYR A 150 -1.48 12.85 -10.69
CA TYR A 150 -1.22 14.05 -9.93
C TYR A 150 0.23 14.51 -10.20
N LEU A 151 1.16 13.58 -10.21
CA LEU A 151 2.56 13.91 -10.39
C LEU A 151 2.85 14.40 -11.83
N LEU A 152 2.10 13.87 -12.78
CA LEU A 152 2.16 14.35 -14.16
C LEU A 152 1.67 15.79 -14.23
N ALA A 153 0.60 16.12 -13.52
CA ALA A 153 -0.06 17.38 -13.63
C ALA A 153 0.57 18.48 -12.80
N HIS A 154 1.33 18.12 -11.75
CA HIS A 154 1.93 19.04 -10.80
C HIS A 154 3.43 18.85 -10.75
N SER A 155 4.13 19.49 -11.69
CA SER A 155 5.53 19.20 -11.89
C SER A 155 6.39 19.63 -10.71
N ASP A 156 5.94 20.60 -9.93
CA ASP A 156 6.70 21.06 -8.80
C ASP A 156 6.47 20.26 -7.52
N ALA A 157 5.63 19.25 -7.59
CA ALA A 157 5.34 18.41 -6.40
C ALA A 157 6.39 17.30 -6.30
N TYR A 158 6.97 17.15 -5.10
CA TYR A 158 7.87 16.05 -4.82
C TYR A 158 9.15 16.00 -5.63
N ASN A 159 9.68 17.16 -5.98
CA ASN A 159 11.07 17.20 -6.50
C ASN A 159 11.94 17.74 -5.42
#